data_7UDN
#
_entry.id   7UDN
#
_cell.length_a   80.430
_cell.length_b   86.480
_cell.length_c   110.230
_cell.angle_alpha   90.000
_cell.angle_beta   90.000
_cell.angle_gamma   90.000
#
_symmetry.space_group_name_H-M   'P 2 21 21'
#
_entity_poly.entity_id   1
_entity_poly.type   'polypeptide(L)'
_entity_poly.pdbx_seq_one_letter_code
;APEEERIKYVITVVEQIAKDAHRNGQEELAKLAERTAEEAKKATERGEEETLRIVYVIVVVLQIALEAHRNGQEELAKLA
LRTAEEAIKATERGEEETLRIVYVIVVVLQIALEAHRNGQEELAKLALRTAEEAIKATERGEEETLRIVYVIVVVLQIAL
EAHRNGQEELAKLALRTAEEAIKATERGEEETLRIVYVIVVVLQIALEAHRNGQEELAKLALRTAEEAIKATERGEEETE
RIVYDIVVVLQEALEAHRNGEEERAKKALDEARRRIEATERGE
;
_entity_poly.pdbx_strand_id   A,B
#
# COMPACT_ATOMS: atom_id res chain seq x y z
N ALA A 1 -15.82 3.36 -6.77
CA ALA A 1 -16.99 2.82 -7.46
C ALA A 1 -17.46 1.46 -6.92
N PRO A 2 -16.55 0.48 -6.74
CA PRO A 2 -17.01 -0.80 -6.20
C PRO A 2 -17.50 -0.71 -4.76
N GLU A 3 -16.85 0.09 -3.91
CA GLU A 3 -17.34 0.28 -2.56
C GLU A 3 -18.55 1.19 -2.52
N GLU A 4 -18.69 2.08 -3.51
CA GLU A 4 -19.91 2.88 -3.63
C GLU A 4 -21.12 1.98 -3.91
N GLU A 5 -20.93 0.93 -4.70
CA GLU A 5 -22.03 0.02 -5.01
C GLU A 5 -22.45 -0.78 -3.79
N ARG A 6 -21.48 -1.18 -2.96
CA ARG A 6 -21.81 -2.00 -1.79
C ARG A 6 -22.64 -1.21 -0.78
N ILE A 7 -22.33 0.08 -0.59
CA ILE A 7 -23.11 0.91 0.32
C ILE A 7 -24.54 1.06 -0.17
N LYS A 8 -24.72 1.34 -1.46
CA LYS A 8 -26.06 1.48 -2.00
C LYS A 8 -26.80 0.15 -2.01
N TYR A 9 -26.08 -0.96 -2.17
CA TYR A 9 -26.71 -2.28 -2.16
C TYR A 9 -27.33 -2.58 -0.80
N VAL A 10 -26.59 -2.32 0.27
CA VAL A 10 -27.10 -2.59 1.61
C VAL A 10 -28.32 -1.72 1.91
N ILE A 11 -28.21 -0.41 1.65
CA ILE A 11 -29.30 0.50 1.95
C ILE A 11 -30.53 0.16 1.13
N THR A 12 -30.34 -0.29 -0.10
CA THR A 12 -31.49 -0.63 -0.95
C THR A 12 -32.28 -1.79 -0.37
N VAL A 13 -31.59 -2.77 0.20
CA VAL A 13 -32.28 -3.96 0.72
C VAL A 13 -33.08 -3.61 1.96
N VAL A 14 -32.47 -2.88 2.89
CA VAL A 14 -33.15 -2.60 4.16
C VAL A 14 -34.30 -1.62 3.95
N GLU A 15 -34.12 -0.64 3.05
CA GLU A 15 -35.23 0.25 2.73
C GLU A 15 -36.35 -0.50 2.01
N GLN A 16 -36.00 -1.54 1.23
CA GLN A 16 -37.02 -2.37 0.62
C GLN A 16 -37.81 -3.14 1.68
N ILE A 17 -37.12 -3.63 2.71
CA ILE A 17 -37.81 -4.33 3.79
C ILE A 17 -38.75 -3.39 4.54
N ALA A 18 -38.35 -2.13 4.70
CA ALA A 18 -39.23 -1.15 5.32
C ALA A 18 -40.47 -0.89 4.48
N LYS A 19 -40.31 -0.87 3.16
CA LYS A 19 -41.46 -0.65 2.28
C LYS A 19 -42.44 -1.80 2.37
N ASP A 20 -41.94 -3.04 2.30
CA ASP A 20 -42.81 -4.21 2.39
C ASP A 20 -43.48 -4.30 3.77
N ALA A 21 -42.77 -3.90 4.83
CA ALA A 21 -43.39 -3.92 6.15
C ALA A 21 -44.48 -2.86 6.27
N HIS A 22 -44.24 -1.67 5.74
CA HIS A 22 -45.26 -0.62 5.79
C HIS A 22 -46.51 -1.03 5.02
N ARG A 23 -46.33 -1.62 3.84
CA ARG A 23 -47.48 -2.03 3.03
C ARG A 23 -48.32 -3.09 3.73
N ASN A 24 -47.70 -3.92 4.56
CA ASN A 24 -48.39 -5.00 5.25
C ASN A 24 -48.81 -4.64 6.66
N GLY A 25 -48.71 -3.38 7.04
CA GLY A 25 -49.12 -2.96 8.38
C GLY A 25 -48.27 -3.49 9.50
N GLN A 26 -46.99 -3.74 9.23
CA GLN A 26 -46.04 -4.20 10.25
C GLN A 26 -45.10 -3.06 10.59
N GLU A 27 -45.63 -2.08 11.33
CA GLU A 27 -44.91 -0.84 11.58
C GLU A 27 -43.66 -1.07 12.42
N GLU A 28 -43.74 -1.98 13.39
CA GLU A 28 -42.58 -2.22 14.26
C GLU A 28 -41.42 -2.80 13.47
N LEU A 29 -41.71 -3.62 12.45
CA LEU A 29 -40.64 -4.14 11.60
C LEU A 29 -40.12 -3.07 10.66
N ALA A 30 -41.00 -2.18 10.19
CA ALA A 30 -40.55 -1.09 9.32
C ALA A 30 -39.71 -0.08 10.10
N LYS A 31 -40.11 0.24 11.32
CA LYS A 31 -39.32 1.14 12.16
C LYS A 31 -37.94 0.56 12.44
N LEU A 32 -37.88 -0.76 12.65
CA LEU A 32 -36.59 -1.41 12.86
C LEU A 32 -35.72 -1.33 11.60
N ALA A 33 -36.34 -1.41 10.42
CA ALA A 33 -35.59 -1.31 9.18
C ALA A 33 -35.13 0.12 8.94
N GLU A 34 -36.02 1.10 9.13
CA GLU A 34 -35.64 2.50 8.96
C GLU A 34 -34.53 2.89 9.92
N ARG A 35 -34.60 2.40 11.17
CA ARG A 35 -33.53 2.68 12.13
C ARG A 35 -32.24 1.97 11.75
N THR A 36 -32.33 0.78 11.16
CA THR A 36 -31.14 0.10 10.67
C THR A 36 -30.53 0.84 9.49
N ALA A 37 -31.37 1.35 8.59
CA ALA A 37 -30.86 2.11 7.46
C ALA A 37 -30.18 3.39 7.93
N GLU A 38 -30.70 4.03 8.98
CA GLU A 38 -30.07 5.22 9.54
C GLU A 38 -28.69 4.90 10.09
N GLU A 39 -28.54 3.76 10.78
CA GLU A 39 -27.24 3.41 11.33
C GLU A 39 -26.24 3.03 10.24
N ALA A 40 -26.71 2.41 9.16
CA ALA A 40 -25.80 2.07 8.06
C ALA A 40 -25.26 3.31 7.39
N LYS A 41 -26.05 4.37 7.31
CA LYS A 41 -25.55 5.64 6.76
C LYS A 41 -24.54 6.28 7.70
N LYS A 42 -24.79 6.22 9.01
CA LYS A 42 -23.84 6.76 9.97
C LYS A 42 -22.53 5.97 9.96
N ALA A 43 -22.62 4.65 9.78
CA ALA A 43 -21.42 3.82 9.79
C ALA A 43 -20.57 4.06 8.54
N THR A 44 -21.19 4.38 7.41
CA THR A 44 -20.42 4.67 6.20
C THR A 44 -19.73 6.01 6.31
N GLU A 45 -20.40 7.00 6.91
CA GLU A 45 -19.78 8.31 7.09
C GLU A 45 -18.60 8.25 8.06
N ARG A 46 -18.71 7.43 9.10
CA ARG A 46 -17.63 7.32 10.07
C ARG A 46 -16.43 6.60 9.48
N GLY A 47 -16.64 5.63 8.60
CA GLY A 47 -15.54 4.94 7.95
C GLY A 47 -14.79 5.80 6.95
N GLU A 48 -15.45 6.82 6.40
CA GLU A 48 -14.78 7.73 5.47
C GLU A 48 -13.83 8.68 6.19
N GLU A 49 -14.24 9.16 7.38
CA GLU A 49 -13.30 9.94 8.19
C GLU A 49 -12.10 9.10 8.60
N GLU A 50 -12.31 7.81 8.80
CA GLU A 50 -11.21 6.91 9.13
C GLU A 50 -10.17 6.86 8.02
N THR A 51 -10.62 6.92 6.76
CA THR A 51 -9.68 6.86 5.64
C THR A 51 -8.80 8.10 5.58
N LEU A 52 -9.36 9.27 5.89
CA LEU A 52 -8.59 10.50 5.79
C LEU A 52 -7.48 10.55 6.84
N ARG A 53 -7.78 10.11 8.06
CA ARG A 53 -6.76 10.12 9.11
C ARG A 53 -5.67 9.10 8.85
N ILE A 54 -6.01 7.95 8.25
CA ILE A 54 -5.00 6.96 7.91
C ILE A 54 -4.03 7.51 6.87
N VAL A 55 -4.54 8.32 5.95
CA VAL A 55 -3.68 9.00 4.98
C VAL A 55 -2.66 9.87 5.70
N TYR A 56 -3.08 10.55 6.78
N TYR A 56 -3.10 10.57 6.76
CA TYR A 56 -2.17 11.40 7.52
CA TYR A 56 -2.18 11.40 7.53
C TYR A 56 -1.05 10.60 8.16
C TYR A 56 -1.04 10.57 8.12
N VAL A 57 -1.37 9.39 8.65
CA VAL A 57 -0.35 8.54 9.27
C VAL A 57 0.72 8.16 8.26
N ILE A 58 0.29 7.76 7.07
CA ILE A 58 1.23 7.31 6.04
C ILE A 58 2.10 8.47 5.57
N VAL A 59 1.53 9.68 5.47
CA VAL A 59 2.32 10.82 5.05
C VAL A 59 3.39 11.17 6.07
N VAL A 60 3.03 11.18 7.35
CA VAL A 60 3.98 11.58 8.39
C VAL A 60 5.14 10.59 8.48
N VAL A 61 4.83 9.29 8.47
CA VAL A 61 5.90 8.31 8.61
C VAL A 61 6.83 8.32 7.39
N LEU A 62 6.25 8.51 6.20
CA LEU A 62 7.08 8.61 5.01
C LEU A 62 7.88 9.90 4.99
N GLN A 63 7.32 10.99 5.55
CA GLN A 63 8.08 12.22 5.70
C GLN A 63 9.28 11.99 6.63
N ILE A 64 9.10 11.18 7.67
CA ILE A 64 10.21 10.85 8.56
C ILE A 64 11.30 10.10 7.78
N ALA A 65 10.90 9.14 6.95
CA ALA A 65 11.87 8.36 6.18
C ALA A 65 12.69 9.23 5.26
N LEU A 66 12.05 10.21 4.60
CA LEU A 66 12.76 11.05 3.65
C LEU A 66 13.77 11.95 4.36
N GLU A 67 13.37 12.55 5.48
CA GLU A 67 14.27 13.44 6.20
C GLU A 67 15.41 12.67 6.85
N ALA A 68 15.11 11.50 7.42
CA ALA A 68 16.14 10.73 8.13
C ALA A 68 17.24 10.28 7.19
N HIS A 69 16.88 9.81 5.98
CA HIS A 69 17.90 9.41 5.02
C HIS A 69 18.70 10.60 4.54
N ARG A 70 18.04 11.73 4.31
CA ARG A 70 18.72 12.92 3.82
C ARG A 70 19.62 13.53 4.89
N ASN A 71 19.16 13.54 6.14
CA ASN A 71 19.90 14.19 7.22
C ASN A 71 21.05 13.34 7.76
N GLY A 72 21.15 12.06 7.36
CA GLY A 72 22.30 11.24 7.65
C GLY A 72 22.02 10.02 8.51
N GLN A 73 20.96 10.07 9.32
N GLN A 73 20.95 10.06 9.31
CA GLN A 73 20.62 8.96 10.20
CA GLN A 73 20.59 8.96 10.20
C GLN A 73 19.90 7.89 9.38
C GLN A 73 19.90 7.89 9.38
N GLU A 74 20.67 6.89 8.93
CA GLU A 74 20.12 5.86 8.05
C GLU A 74 19.26 4.85 8.80
N GLU A 75 19.69 4.46 10.01
CA GLU A 75 18.92 3.50 10.80
C GLU A 75 17.54 4.03 11.16
N LEU A 76 17.37 5.36 11.23
CA LEU A 76 16.04 5.91 11.44
C LEU A 76 15.20 5.83 10.18
N ALA A 77 15.83 6.03 9.02
CA ALA A 77 15.10 5.94 7.75
C ALA A 77 14.62 4.52 7.49
N LYS A 78 15.47 3.53 7.76
CA LYS A 78 15.06 2.13 7.57
C LYS A 78 13.91 1.77 8.49
N LEU A 79 13.93 2.30 9.73
CA LEU A 79 12.84 2.03 10.65
C LEU A 79 11.54 2.70 10.20
N ALA A 80 11.64 3.90 9.65
CA ALA A 80 10.45 4.58 9.15
C ALA A 80 9.84 3.85 7.95
N LEU A 81 10.69 3.38 7.04
CA LEU A 81 10.18 2.62 5.90
C LEU A 81 9.54 1.31 6.35
N ARG A 82 10.17 0.62 7.30
CA ARG A 82 9.59 -0.60 7.83
C ARG A 82 8.27 -0.32 8.54
N THR A 83 8.20 0.81 9.25
CA THR A 83 6.96 1.21 9.91
C THR A 83 5.90 1.59 8.89
N ALA A 84 6.31 2.25 7.80
CA ALA A 84 5.37 2.60 6.75
C ALA A 84 4.80 1.35 6.08
N GLU A 85 5.66 0.37 5.79
CA GLU A 85 5.19 -0.87 5.19
C GLU A 85 4.18 -1.57 6.09
N GLU A 86 4.41 -1.54 7.40
CA GLU A 86 3.46 -2.18 8.31
C GLU A 86 2.15 -1.40 8.39
N ALA A 87 2.20 -0.07 8.31
CA ALA A 87 0.97 0.71 8.28
C ALA A 87 0.17 0.43 7.02
N ILE A 88 0.86 0.25 5.89
CA ILE A 88 0.17 -0.06 4.64
C ILE A 88 -0.47 -1.44 4.73
N LYS A 89 0.28 -2.44 5.19
CA LYS A 89 -0.27 -3.78 5.33
C LYS A 89 -1.40 -3.82 6.35
N ALA A 90 -1.28 -3.05 7.44
CA ALA A 90 -2.39 -2.98 8.39
C ALA A 90 -3.61 -2.31 7.77
N THR A 91 -3.40 -1.34 6.87
CA THR A 91 -4.52 -0.69 6.19
C THR A 91 -5.18 -1.63 5.20
N GLU A 92 -4.38 -2.40 4.46
CA GLU A 92 -4.94 -3.39 3.55
C GLU A 92 -5.74 -4.45 4.30
N ARG A 93 -5.29 -4.83 5.49
CA ARG A 93 -6.02 -5.80 6.30
C ARG A 93 -7.35 -5.23 6.79
N GLY A 94 -7.38 -3.92 7.09
CA GLY A 94 -8.63 -3.29 7.48
C GLY A 94 -9.63 -3.19 6.33
N GLU A 95 -9.13 -3.07 5.10
CA GLU A 95 -10.02 -3.07 3.94
C GLU A 95 -10.64 -4.43 3.72
N GLU A 96 -9.87 -5.51 3.93
CA GLU A 96 -10.46 -6.85 3.89
C GLU A 96 -11.48 -7.02 5.00
N GLU A 97 -11.22 -6.40 6.16
CA GLU A 97 -12.13 -6.51 7.29
C GLU A 97 -13.46 -5.83 7.01
N THR A 98 -13.43 -4.63 6.42
N THR A 98 -13.42 -4.61 6.46
CA THR A 98 -14.70 -3.95 6.14
CA THR A 98 -14.64 -3.91 6.10
C THR A 98 -15.44 -4.61 4.98
C THR A 98 -15.43 -4.69 5.05
N LEU A 99 -14.74 -5.27 4.07
CA LEU A 99 -15.41 -5.99 3.00
C LEU A 99 -16.10 -7.24 3.53
N ARG A 100 -15.48 -7.93 4.50
CA ARG A 100 -16.12 -9.10 5.08
C ARG A 100 -17.29 -8.71 5.98
N ILE A 101 -17.17 -7.58 6.68
CA ILE A 101 -18.29 -7.10 7.49
C ILE A 101 -19.47 -6.73 6.60
N VAL A 102 -19.19 -6.17 5.42
CA VAL A 102 -20.27 -5.90 4.47
C VAL A 102 -20.97 -7.19 4.08
N TYR A 103 -20.20 -8.25 3.85
N TYR A 103 -20.19 -8.26 3.83
CA TYR A 103 -20.82 -9.53 3.51
CA TYR A 103 -20.79 -9.55 3.52
C TYR A 103 -21.66 -10.08 4.66
C TYR A 103 -21.67 -10.04 4.66
N VAL A 104 -21.23 -9.84 5.90
CA VAL A 104 -22.05 -10.21 7.06
C VAL A 104 -23.41 -9.53 7.00
N ILE A 105 -23.40 -8.22 6.76
CA ILE A 105 -24.65 -7.46 6.69
C ILE A 105 -25.50 -7.95 5.53
N VAL A 106 -24.88 -8.23 4.38
CA VAL A 106 -25.64 -8.64 3.20
C VAL A 106 -26.34 -9.98 3.44
N VAL A 107 -25.66 -10.92 4.11
CA VAL A 107 -26.26 -12.24 4.31
C VAL A 107 -27.39 -12.18 5.33
N VAL A 108 -27.20 -11.41 6.41
CA VAL A 108 -28.26 -11.35 7.41
C VAL A 108 -29.44 -10.54 6.88
N LEU A 109 -29.19 -9.54 6.02
CA LEU A 109 -30.31 -8.83 5.40
C LEU A 109 -31.03 -9.72 4.39
N GLN A 110 -30.33 -10.67 3.77
CA GLN A 110 -30.98 -11.60 2.85
C GLN A 110 -31.87 -12.57 3.62
N ILE A 111 -31.43 -13.01 4.80
CA ILE A 111 -32.29 -13.81 5.66
C ILE A 111 -33.54 -13.04 6.02
N ALA A 112 -33.38 -11.76 6.39
CA ALA A 112 -34.52 -10.95 6.79
C ALA A 112 -35.52 -10.79 5.65
N LEU A 113 -35.02 -10.56 4.44
CA LEU A 113 -35.91 -10.37 3.29
C LEU A 113 -36.70 -11.63 2.99
N GLU A 114 -36.02 -12.78 2.95
CA GLU A 114 -36.69 -14.03 2.60
C GLU A 114 -37.63 -14.49 3.72
N ALA A 115 -37.25 -14.25 4.98
CA ALA A 115 -38.14 -14.61 6.09
C ALA A 115 -39.41 -13.78 6.07
N HIS A 116 -39.28 -12.47 5.86
CA HIS A 116 -40.47 -11.62 5.82
C HIS A 116 -41.37 -11.98 4.64
N ARG A 117 -40.78 -12.24 3.48
CA ARG A 117 -41.56 -12.63 2.31
C ARG A 117 -42.22 -13.98 2.47
N ASN A 118 -41.69 -14.86 3.32
CA ASN A 118 -42.23 -16.20 3.51
C ASN A 118 -43.08 -16.33 4.76
N GLY A 119 -43.33 -15.25 5.49
CA GLY A 119 -44.23 -15.27 6.63
C GLY A 119 -43.58 -15.40 7.99
N GLN A 120 -42.26 -15.63 8.05
CA GLN A 120 -41.58 -15.76 9.35
C GLN A 120 -41.22 -14.36 9.85
N GLU A 121 -42.22 -13.69 10.43
CA GLU A 121 -42.02 -12.33 10.90
C GLU A 121 -41.05 -12.28 12.07
N GLU A 122 -41.20 -13.19 13.04
CA GLU A 122 -40.27 -13.20 14.16
C GLU A 122 -38.84 -13.43 13.69
N LEU A 123 -38.64 -14.34 12.73
CA LEU A 123 -37.32 -14.54 12.17
C LEU A 123 -36.82 -13.31 11.43
N ALA A 124 -37.73 -12.58 10.76
CA ALA A 124 -37.32 -11.34 10.09
C ALA A 124 -36.93 -10.28 11.10
N LYS A 125 -37.68 -10.15 12.21
CA LYS A 125 -37.31 -9.21 13.26
C LYS A 125 -35.93 -9.52 13.80
N LEU A 126 -35.67 -10.79 14.11
CA LEU A 126 -34.39 -11.19 14.69
C LEU A 126 -33.24 -10.91 13.72
N ALA A 127 -33.45 -11.22 12.44
CA ALA A 127 -32.41 -10.94 11.46
C ALA A 127 -32.17 -9.45 11.28
N LEU A 128 -33.23 -8.64 11.38
CA LEU A 128 -33.08 -7.21 11.16
C LEU A 128 -32.32 -6.56 12.30
N ARG A 129 -32.66 -6.89 13.56
CA ARG A 129 -31.93 -6.30 14.68
C ARG A 129 -30.54 -6.90 14.84
N THR A 130 -30.32 -8.13 14.36
CA THR A 130 -28.96 -8.64 14.27
C THR A 130 -28.14 -7.82 13.29
N ALA A 131 -28.72 -7.47 12.14
CA ALA A 131 -28.05 -6.58 11.19
C ALA A 131 -27.76 -5.23 11.84
N GLU A 132 -28.72 -4.69 12.59
CA GLU A 132 -28.50 -3.42 13.28
C GLU A 132 -27.36 -3.54 14.29
N GLU A 133 -27.31 -4.66 15.01
N GLU A 133 -27.29 -4.66 15.01
CA GLU A 133 -26.26 -4.86 16.01
CA GLU A 133 -26.24 -4.83 16.01
C GLU A 133 -24.88 -4.94 15.36
C GLU A 133 -24.87 -4.94 15.37
N ALA A 134 -24.78 -5.58 14.20
CA ALA A 134 -23.51 -5.65 13.49
C ALA A 134 -23.09 -4.28 12.99
N ILE A 135 -24.05 -3.43 12.62
CA ILE A 135 -23.72 -2.07 12.20
C ILE A 135 -23.31 -1.23 13.40
N LYS A 136 -24.01 -1.37 14.53
CA LYS A 136 -23.61 -0.69 15.76
C LYS A 136 -22.21 -1.10 16.19
N ALA A 137 -21.92 -2.40 16.16
CA ALA A 137 -20.59 -2.87 16.54
C ALA A 137 -19.53 -2.32 15.61
N THR A 138 -19.86 -2.20 14.32
CA THR A 138 -18.88 -1.71 13.35
C THR A 138 -18.54 -0.24 13.60
N GLU A 139 -19.55 0.61 13.76
CA GLU A 139 -19.26 2.01 14.01
C GLU A 139 -18.57 2.20 15.36
N ARG A 140 -18.91 1.38 16.36
CA ARG A 140 -18.18 1.42 17.62
C ARG A 140 -16.71 1.10 17.41
N GLY A 141 -16.41 0.10 16.57
CA GLY A 141 -15.02 -0.18 16.25
C GLY A 141 -14.36 0.92 15.43
N GLU A 142 -15.14 1.60 14.59
CA GLU A 142 -14.58 2.69 13.79
C GLU A 142 -14.20 3.88 14.66
N GLU A 143 -15.02 4.18 15.67
CA GLU A 143 -14.66 5.25 16.60
C GLU A 143 -13.37 4.93 17.34
N GLU A 144 -13.21 3.68 17.75
CA GLU A 144 -12.00 3.30 18.48
C GLU A 144 -10.78 3.30 17.57
N THR A 145 -10.96 2.96 16.30
CA THR A 145 -9.86 3.05 15.35
C THR A 145 -9.48 4.50 15.09
N LEU A 146 -10.47 5.40 15.06
CA LEU A 146 -10.17 6.83 14.91
C LEU A 146 -9.33 7.34 16.07
N ARG A 147 -9.61 6.87 17.29
CA ARG A 147 -8.81 7.28 18.43
C ARG A 147 -7.39 6.69 18.35
N ILE A 148 -7.29 5.40 18.03
CA ILE A 148 -5.98 4.76 17.89
C ILE A 148 -5.16 5.45 16.81
N VAL A 149 -5.79 5.80 15.70
CA VAL A 149 -5.07 6.43 14.60
C VAL A 149 -4.63 7.84 14.99
N TYR A 150 -5.47 8.56 15.74
CA TYR A 150 -5.08 9.88 16.20
C TYR A 150 -3.91 9.81 17.18
N VAL A 151 -3.89 8.79 18.03
CA VAL A 151 -2.79 8.61 18.97
C VAL A 151 -1.51 8.30 18.23
N ILE A 152 -1.58 7.44 17.21
CA ILE A 152 -0.41 7.12 16.40
C ILE A 152 0.15 8.37 15.74
N VAL A 153 -0.73 9.27 15.30
CA VAL A 153 -0.26 10.52 14.68
C VAL A 153 0.55 11.33 15.68
N VAL A 154 0.03 11.50 16.91
CA VAL A 154 0.74 12.28 17.92
C VAL A 154 2.11 11.67 18.19
N VAL A 155 2.19 10.34 18.28
CA VAL A 155 3.47 9.69 18.56
C VAL A 155 4.42 9.88 17.39
N LEU A 156 3.93 9.73 16.15
CA LEU A 156 4.77 9.96 14.99
C LEU A 156 5.25 11.40 14.91
N GLN A 157 4.44 12.35 15.38
CA GLN A 157 4.87 13.74 15.38
C GLN A 157 5.93 14.00 16.44
N ILE A 158 5.87 13.28 17.57
CA ILE A 158 6.96 13.38 18.54
C ILE A 158 8.26 12.89 17.92
N ALA A 159 8.19 11.79 17.15
CA ALA A 159 9.38 11.26 16.50
C ALA A 159 9.97 12.26 15.51
N LEU A 160 9.11 12.90 14.70
CA LEU A 160 9.60 13.84 13.70
C LEU A 160 10.19 15.08 14.35
N GLU A 161 9.52 15.63 15.37
CA GLU A 161 10.05 16.80 16.07
C GLU A 161 11.36 16.44 16.78
N ALA A 162 11.45 15.24 17.34
CA ALA A 162 12.67 14.84 18.04
C ALA A 162 13.85 14.74 17.08
N HIS A 163 13.62 14.18 15.89
CA HIS A 163 14.70 14.09 14.90
C HIS A 163 15.13 15.46 14.43
N ARG A 164 14.19 16.38 14.23
CA ARG A 164 14.53 17.72 13.77
C ARG A 164 15.30 18.52 14.82
N ASN A 165 15.16 18.16 16.09
CA ASN A 165 15.87 18.83 17.17
C ASN A 165 17.13 18.10 17.59
N GLY A 166 17.57 17.11 16.83
CA GLY A 166 18.81 16.41 17.14
C GLY A 166 18.70 15.38 18.25
N GLN A 167 17.50 14.97 18.61
CA GLN A 167 17.30 13.92 19.63
C GLN A 167 16.95 12.62 18.93
N GLU A 168 18.00 12.00 18.35
CA GLU A 168 17.78 10.83 17.49
C GLU A 168 17.31 9.63 18.28
N GLU A 169 17.86 9.42 19.48
N GLU A 169 17.86 9.42 19.48
CA GLU A 169 17.43 8.28 20.30
CA GLU A 169 17.44 8.29 20.30
C GLU A 169 15.96 8.40 20.66
C GLU A 169 15.98 8.40 20.70
N LEU A 170 15.50 9.61 20.98
CA LEU A 170 14.07 9.80 21.25
C LEU A 170 13.25 9.63 19.99
N ALA A 171 13.77 10.08 18.85
CA ALA A 171 13.09 9.87 17.58
C ALA A 171 12.93 8.38 17.29
N LYS A 172 14.02 7.62 17.42
CA LYS A 172 13.94 6.18 17.20
C LYS A 172 12.97 5.53 18.17
N LEU A 173 12.96 5.99 19.42
CA LEU A 173 12.08 5.39 20.43
C LEU A 173 10.61 5.72 20.15
N ALA A 174 10.31 6.99 19.84
CA ALA A 174 8.94 7.37 19.51
C ALA A 174 8.45 6.63 18.27
N LEU A 175 9.28 6.57 17.22
CA LEU A 175 8.91 5.83 16.03
C LEU A 175 8.67 4.35 16.34
N ARG A 176 9.51 3.78 17.21
CA ARG A 176 9.34 2.38 17.58
C ARG A 176 8.01 2.16 18.29
N THR A 177 7.59 3.12 19.11
CA THR A 177 6.32 2.99 19.83
C THR A 177 5.13 3.03 18.89
N ALA A 178 5.18 3.90 17.88
CA ALA A 178 4.11 3.94 16.89
C ALA A 178 4.09 2.65 16.07
N GLU A 179 5.26 2.12 15.71
CA GLU A 179 5.32 0.88 14.95
C GLU A 179 4.65 -0.26 15.70
N GLU A 180 4.94 -0.39 17.00
CA GLU A 180 4.33 -1.45 17.79
C GLU A 180 2.83 -1.26 17.91
N ALA A 181 2.38 -0.01 18.04
CA ALA A 181 0.94 0.26 18.06
C ALA A 181 0.29 -0.15 16.75
N ILE A 182 0.97 0.09 15.63
CA ILE A 182 0.44 -0.34 14.34
C ILE A 182 0.45 -1.85 14.24
N LYS A 183 1.51 -2.51 14.75
CA LYS A 183 1.56 -3.96 14.71
C LYS A 183 0.52 -4.59 15.61
N ALA A 184 0.22 -3.95 16.75
CA ALA A 184 -0.85 -4.44 17.61
C ALA A 184 -2.21 -4.23 16.97
N THR A 185 -2.37 -3.15 16.19
CA THR A 185 -3.60 -2.95 15.45
C THR A 185 -3.80 -4.02 14.40
N GLU A 186 -2.70 -4.43 13.74
CA GLU A 186 -2.80 -5.49 12.74
C GLU A 186 -3.18 -6.82 13.38
N ARG A 187 -2.68 -7.09 14.58
CA ARG A 187 -3.04 -8.32 15.27
C ARG A 187 -4.52 -8.33 15.65
N GLY A 188 -5.04 -7.18 16.08
CA GLY A 188 -6.46 -7.08 16.37
C GLY A 188 -7.32 -7.25 15.12
N GLU A 189 -6.85 -6.76 13.98
CA GLU A 189 -7.58 -6.92 12.74
C GLU A 189 -7.63 -8.38 12.31
N GLU A 190 -6.50 -9.08 12.39
CA GLU A 190 -6.46 -10.48 12.00
C GLU A 190 -7.33 -11.34 12.91
N GLU A 191 -7.44 -10.96 14.19
CA GLU A 191 -8.33 -11.71 15.08
C GLU A 191 -9.79 -11.41 14.76
N THR A 192 -10.11 -10.15 14.45
CA THR A 192 -11.46 -9.82 14.01
C THR A 192 -11.79 -10.52 12.69
N LEU A 193 -10.80 -10.63 11.79
CA LEU A 193 -11.04 -11.30 10.52
C LEU A 193 -11.38 -12.77 10.72
N ARG A 194 -10.71 -13.44 11.67
N ARG A 194 -10.71 -13.44 11.67
CA ARG A 194 -11.04 -14.83 11.96
CA ARG A 194 -11.04 -14.82 11.96
C ARG A 194 -12.44 -14.95 12.54
C ARG A 194 -12.43 -14.96 12.55
N ILE A 195 -12.84 -13.98 13.36
CA ILE A 195 -14.18 -14.01 13.95
C ILE A 195 -15.24 -13.72 12.90
N VAL A 196 -14.99 -12.74 12.03
CA VAL A 196 -15.97 -12.37 11.01
C VAL A 196 -16.21 -13.53 10.05
N TYR A 197 -15.13 -14.20 9.62
CA TYR A 197 -15.29 -15.36 8.75
C TYR A 197 -16.18 -16.41 9.40
N VAL A 198 -15.97 -16.66 10.70
CA VAL A 198 -16.76 -17.66 11.41
C VAL A 198 -18.22 -17.23 11.48
N ILE A 199 -18.47 -15.93 11.67
CA ILE A 199 -19.83 -15.41 11.68
C ILE A 199 -20.48 -15.58 10.31
N VAL A 200 -19.70 -15.41 9.24
CA VAL A 200 -20.23 -15.61 7.89
C VAL A 200 -20.70 -17.04 7.72
N VAL A 201 -19.84 -18.00 8.08
CA VAL A 201 -20.20 -19.42 7.98
C VAL A 201 -21.51 -19.70 8.71
N VAL A 202 -21.68 -19.11 9.89
CA VAL A 202 -22.88 -19.35 10.68
C VAL A 202 -24.10 -18.73 10.00
N LEU A 203 -23.96 -17.49 9.50
CA LEU A 203 -25.05 -16.86 8.79
C LEU A 203 -25.43 -17.61 7.53
N GLN A 204 -24.44 -18.22 6.86
CA GLN A 204 -24.75 -19.02 5.68
C GLN A 204 -25.55 -20.27 6.03
N ILE A 205 -25.35 -20.81 7.24
CA ILE A 205 -26.20 -21.90 7.70
C ILE A 205 -27.65 -21.46 7.79
N ALA A 206 -27.89 -20.32 8.46
CA ALA A 206 -29.25 -19.84 8.66
C ALA A 206 -29.94 -19.58 7.33
N LEU A 207 -29.22 -19.01 6.37
CA LEU A 207 -29.82 -18.75 5.06
C LEU A 207 -30.18 -20.06 4.36
N GLU A 208 -29.22 -20.99 4.27
CA GLU A 208 -29.49 -22.26 3.60
C GLU A 208 -30.56 -23.06 4.34
N ALA A 209 -30.48 -23.11 5.68
CA ALA A 209 -31.45 -23.88 6.45
C ALA A 209 -32.86 -23.34 6.27
N HIS A 210 -33.00 -22.01 6.27
CA HIS A 210 -34.32 -21.42 6.07
C HIS A 210 -34.86 -21.74 4.68
N ARG A 211 -33.99 -21.71 3.67
CA ARG A 211 -34.43 -22.07 2.32
C ARG A 211 -34.81 -23.55 2.24
N ASN A 212 -34.25 -24.39 3.11
CA ASN A 212 -34.55 -25.81 3.12
C ASN A 212 -35.70 -26.18 4.06
N GLY A 213 -36.39 -25.18 4.64
CA GLY A 213 -37.45 -25.47 5.57
C GLY A 213 -37.00 -25.93 6.92
N GLN A 214 -35.70 -25.90 7.21
CA GLN A 214 -35.16 -26.26 8.52
C GLN A 214 -35.19 -25.02 9.39
N GLU A 215 -36.38 -24.73 9.92
CA GLU A 215 -36.60 -23.45 10.61
C GLU A 215 -35.90 -23.42 11.96
N GLU A 216 -35.97 -24.52 12.72
CA GLU A 216 -35.29 -24.55 14.02
C GLU A 216 -33.80 -24.34 13.85
N LEU A 217 -33.21 -24.97 12.81
CA LEU A 217 -31.79 -24.78 12.54
C LEU A 217 -31.49 -23.34 12.15
N ALA A 218 -32.37 -22.72 11.34
CA ALA A 218 -32.13 -21.35 10.91
C ALA A 218 -32.17 -20.39 12.10
N LYS A 219 -33.17 -20.52 12.97
CA LYS A 219 -33.25 -19.65 14.14
C LYS A 219 -32.03 -19.81 15.03
N LEU A 220 -31.60 -21.05 15.29
CA LEU A 220 -30.46 -21.26 16.18
C LEU A 220 -29.17 -20.72 15.57
N ALA A 221 -28.98 -20.91 14.26
CA ALA A 221 -27.78 -20.37 13.62
C ALA A 221 -27.78 -18.85 13.66
N LEU A 222 -28.93 -18.23 13.41
CA LEU A 222 -29.00 -16.77 13.44
C LEU A 222 -28.76 -16.25 14.86
N ARG A 223 -29.34 -16.89 15.87
CA ARG A 223 -29.10 -16.49 17.25
C ARG A 223 -27.63 -16.67 17.63
N THR A 224 -27.00 -17.72 17.12
CA THR A 224 -25.57 -17.91 17.38
C THR A 224 -24.75 -16.76 16.81
N ALA A 225 -25.07 -16.35 15.58
CA ALA A 225 -24.37 -15.21 14.97
C ALA A 225 -24.65 -13.92 15.74
N GLU A 226 -25.87 -13.75 16.25
CA GLU A 226 -26.16 -12.54 17.03
C GLU A 226 -25.32 -12.50 18.30
N GLU A 227 -25.29 -13.60 19.05
CA GLU A 227 -24.51 -13.62 20.28
C GLU A 227 -23.01 -13.53 20.00
N ALA A 228 -22.55 -14.08 18.88
CA ALA A 228 -21.16 -13.90 18.51
C ALA A 228 -20.84 -12.42 18.33
N ILE A 229 -21.75 -11.66 17.73
CA ILE A 229 -21.54 -10.22 17.55
C ILE A 229 -21.51 -9.51 18.90
N LYS A 230 -22.45 -9.86 19.79
CA LYS A 230 -22.48 -9.22 21.11
C LYS A 230 -21.24 -9.56 21.91
N ALA A 231 -20.75 -10.81 21.80
CA ALA A 231 -19.57 -11.19 22.55
C ALA A 231 -18.34 -10.41 22.08
N THR A 232 -18.25 -10.15 20.78
CA THR A 232 -17.12 -9.36 20.27
C THR A 232 -17.25 -7.89 20.66
N GLU A 233 -18.48 -7.41 20.87
CA GLU A 233 -18.65 -6.06 21.40
C GLU A 233 -18.11 -5.95 22.81
N ARG A 234 -18.43 -6.93 23.67
CA ARG A 234 -17.91 -6.90 25.03
C ARG A 234 -16.39 -6.95 25.06
N GLY A 235 -15.78 -7.64 24.10
CA GLY A 235 -14.33 -7.64 24.02
C GLY A 235 -13.78 -6.31 23.54
N GLU A 236 -14.48 -5.65 22.63
CA GLU A 236 -14.04 -4.34 22.15
C GLU A 236 -14.19 -3.28 23.23
N GLU A 237 -15.23 -3.39 24.07
CA GLU A 237 -15.36 -2.46 25.19
C GLU A 237 -14.22 -2.63 26.18
N GLU A 238 -13.71 -3.84 26.35
CA GLU A 238 -12.52 -4.04 27.17
C GLU A 238 -11.29 -3.45 26.49
N THR A 239 -11.24 -3.51 25.16
CA THR A 239 -10.13 -2.91 24.43
C THR A 239 -10.08 -1.41 24.62
N GLU A 240 -11.25 -0.76 24.63
CA GLU A 240 -11.29 0.69 24.82
C GLU A 240 -10.69 1.09 26.17
N ARG A 241 -10.97 0.31 27.21
CA ARG A 241 -10.38 0.59 28.52
C ARG A 241 -8.87 0.38 28.49
N ILE A 242 -8.41 -0.66 27.77
CA ILE A 242 -6.97 -0.90 27.64
C ILE A 242 -6.31 0.26 26.89
N VAL A 243 -6.93 0.72 25.81
CA VAL A 243 -6.36 1.83 25.03
C VAL A 243 -6.33 3.10 25.86
N TYR A 244 -7.35 3.32 26.69
CA TYR A 244 -7.36 4.51 27.54
C TYR A 244 -6.19 4.51 28.50
N ASP A 245 -5.85 3.36 29.06
CA ASP A 245 -4.71 3.29 29.97
C ASP A 245 -3.41 3.62 29.25
N ILE A 246 -3.31 3.23 27.98
CA ILE A 246 -2.11 3.54 27.21
C ILE A 246 -2.08 5.02 26.81
N VAL A 247 -3.25 5.62 26.55
CA VAL A 247 -3.27 6.99 26.05
C VAL A 247 -2.88 7.98 27.16
N VAL A 248 -3.11 7.62 28.43
CA VAL A 248 -2.70 8.54 29.48
C VAL A 248 -1.19 8.45 29.72
N VAL A 249 -0.58 7.30 29.43
CA VAL A 249 0.87 7.20 29.52
C VAL A 249 1.51 7.98 28.38
N LEU A 250 0.96 7.86 27.17
CA LEU A 250 1.45 8.64 26.05
C LEU A 250 1.14 10.12 26.21
N GLN A 251 0.05 10.45 26.89
CA GLN A 251 -0.21 11.85 27.22
C GLN A 251 0.88 12.40 28.13
N GLU A 252 1.39 11.58 29.03
CA GLU A 252 2.53 11.99 29.86
C GLU A 252 3.78 12.19 29.02
N ALA A 253 3.95 11.42 27.96
CA ALA A 253 5.10 11.58 27.08
C ALA A 253 5.01 12.87 26.27
N LEU A 254 3.81 13.25 25.84
CA LEU A 254 3.66 14.45 25.03
C LEU A 254 3.92 15.72 25.84
N GLU A 255 3.42 15.77 27.08
CA GLU A 255 3.67 16.94 27.92
C GLU A 255 5.15 17.06 28.29
N ALA A 256 5.82 15.93 28.51
CA ALA A 256 7.24 15.97 28.84
C ALA A 256 8.07 16.41 27.64
N HIS A 257 7.69 15.98 26.44
CA HIS A 257 8.41 16.39 25.23
C HIS A 257 8.22 17.88 24.96
N ARG A 258 6.99 18.39 25.17
CA ARG A 258 6.74 19.81 24.95
C ARG A 258 7.44 20.69 25.98
N ASN A 259 7.82 20.14 27.13
CA ASN A 259 8.55 20.87 28.14
C ASN A 259 10.07 20.71 28.01
N GLY A 260 10.53 20.19 26.88
CA GLY A 260 11.97 19.98 26.70
C GLY A 260 12.56 18.91 27.58
N GLU A 261 11.72 18.05 28.16
CA GLU A 261 12.20 16.98 29.04
C GLU A 261 12.21 15.68 28.24
N GLU A 262 13.22 15.56 27.37
CA GLU A 262 13.29 14.43 26.47
C GLU A 262 13.53 13.11 27.20
N GLU A 263 14.27 13.16 28.32
CA GLU A 263 14.51 11.93 29.08
C GLU A 263 13.23 11.43 29.74
N ARG A 264 12.44 12.35 30.31
CA ARG A 264 11.16 11.95 30.89
C ARG A 264 10.21 11.40 29.83
N ALA A 265 10.30 11.92 28.61
CA ALA A 265 9.47 11.41 27.52
C ALA A 265 9.87 10.01 27.11
N LYS A 266 11.17 9.68 27.19
CA LYS A 266 11.61 8.33 26.84
C LYS A 266 11.03 7.30 27.80
N LYS A 267 11.05 7.59 29.10
CA LYS A 267 10.53 6.64 30.08
C LYS A 267 9.05 6.41 29.89
N ALA A 268 8.29 7.43 29.51
CA ALA A 268 6.87 7.24 29.27
C ALA A 268 6.62 6.45 27.99
N LEU A 269 7.41 6.69 26.95
CA LEU A 269 7.25 5.95 25.69
C LEU A 269 7.65 4.49 25.86
N ASP A 270 8.61 4.19 26.74
CA ASP A 270 8.97 2.80 26.99
C ASP A 270 7.87 2.05 27.73
N GLU A 271 7.19 2.72 28.65
CA GLU A 271 6.06 2.09 29.34
C GLU A 271 4.91 1.83 28.38
N ALA A 272 4.68 2.74 27.43
CA ALA A 272 3.64 2.52 26.44
C ALA A 272 3.97 1.34 25.54
N ARG A 273 5.24 1.20 25.16
CA ARG A 273 5.65 0.07 24.34
C ARG A 273 5.41 -1.26 25.03
N ARG A 274 5.80 -1.35 26.31
CA ARG A 274 5.60 -2.60 27.05
C ARG A 274 4.13 -2.95 27.13
N ARG A 275 3.27 -1.95 27.38
CA ARG A 275 1.82 -2.20 27.38
C ARG A 275 1.33 -2.58 25.99
N ILE A 276 1.76 -1.84 24.96
CA ILE A 276 1.30 -2.10 23.60
C ILE A 276 1.71 -3.49 23.14
N GLU A 277 2.95 -3.88 23.42
CA GLU A 277 3.41 -5.20 23.01
C GLU A 277 2.64 -6.31 23.71
N ALA A 278 2.07 -6.03 24.88
CA ALA A 278 1.30 -7.03 25.61
C ALA A 278 -0.13 -7.15 25.12
N THR A 279 -0.68 -6.11 24.48
CA THR A 279 -2.05 -6.15 24.01
C THR A 279 -2.20 -7.09 22.82
N GLU A 280 -3.39 -7.69 22.70
CA GLU A 280 -3.73 -8.59 21.59
C GLU A 280 -2.76 -9.76 21.50
N ARG A 281 -2.53 -10.39 22.65
CA ARG A 281 -1.76 -11.63 22.77
C ARG A 281 -0.32 -11.49 22.27
N GLY A 282 0.22 -10.29 22.29
CA GLY A 282 1.61 -10.09 21.91
C GLY A 282 1.86 -10.05 20.42
N PRO B 2 16.95 -8.12 7.15
CA PRO B 2 17.05 -9.44 6.53
C PRO B 2 17.41 -9.36 5.06
N GLU B 3 16.75 -8.46 4.32
CA GLU B 3 17.08 -8.28 2.91
C GLU B 3 18.45 -7.63 2.74
N GLU B 4 18.84 -6.78 3.69
CA GLU B 4 20.17 -6.16 3.61
C GLU B 4 21.27 -7.20 3.82
N GLU B 5 21.00 -8.24 4.60
CA GLU B 5 22.00 -9.28 4.82
C GLU B 5 22.31 -10.02 3.53
N ARG B 6 21.29 -10.29 2.71
CA ARG B 6 21.51 -10.94 1.43
C ARG B 6 22.30 -10.05 0.48
N ILE B 7 22.05 -8.74 0.53
CA ILE B 7 22.78 -7.81 -0.33
C ILE B 7 24.25 -7.77 0.06
N LYS B 8 24.54 -7.73 1.37
CA LYS B 8 25.93 -7.79 1.81
C LYS B 8 26.54 -9.16 1.55
N TYR B 9 25.71 -10.20 1.49
CA TYR B 9 26.20 -11.53 1.15
C TYR B 9 26.75 -11.57 -0.26
N VAL B 10 26.05 -10.96 -1.21
CA VAL B 10 26.51 -10.92 -2.59
C VAL B 10 27.87 -10.21 -2.67
N ILE B 11 27.98 -9.05 -2.03
CA ILE B 11 29.24 -8.31 -2.05
C ILE B 11 30.34 -9.12 -1.38
N THR B 12 30.04 -9.75 -0.24
CA THR B 12 31.05 -10.52 0.47
C THR B 12 31.54 -11.71 -0.37
N VAL B 13 30.61 -12.41 -1.03
CA VAL B 13 30.99 -13.56 -1.85
C VAL B 13 31.86 -13.12 -3.02
N VAL B 14 31.45 -12.06 -3.71
CA VAL B 14 32.18 -11.61 -4.88
C VAL B 14 33.54 -11.05 -4.48
N GLU B 15 33.61 -10.31 -3.38
CA GLU B 15 34.89 -9.78 -2.91
C GLU B 15 35.81 -10.91 -2.45
N GLN B 16 35.25 -11.97 -1.85
CA GLN B 16 36.06 -13.12 -1.47
C GLN B 16 36.56 -13.88 -2.69
N ILE B 17 35.76 -13.96 -3.75
CA ILE B 17 36.22 -14.58 -4.98
C ILE B 17 37.34 -13.75 -5.60
N ALA B 18 37.19 -12.43 -5.60
CA ALA B 18 38.24 -11.57 -6.13
C ALA B 18 39.50 -11.65 -5.28
N LYS B 19 39.35 -11.80 -3.97
CA LYS B 19 40.50 -11.89 -3.09
C LYS B 19 41.20 -13.24 -3.22
N ASP B 20 40.43 -14.32 -3.36
CA ASP B 20 41.02 -15.65 -3.47
C ASP B 20 41.61 -15.88 -4.86
N ALA B 21 40.95 -15.38 -5.91
CA ALA B 21 41.49 -15.53 -7.25
C ALA B 21 42.76 -14.70 -7.44
N HIS B 22 42.88 -13.58 -6.73
CA HIS B 22 44.11 -12.80 -6.78
C HIS B 22 45.28 -13.58 -6.21
N ARG B 23 45.08 -14.21 -5.05
CA ARG B 23 46.16 -14.97 -4.41
C ARG B 23 46.51 -16.22 -5.21
N ASN B 24 45.49 -16.86 -5.80
CA ASN B 24 45.72 -18.09 -6.55
C ASN B 24 46.53 -17.88 -7.82
N GLY B 25 46.56 -16.66 -8.34
CA GLY B 25 47.30 -16.35 -9.56
C GLY B 25 46.43 -16.17 -10.79
N GLN B 26 45.16 -16.54 -10.73
CA GLN B 26 44.24 -16.38 -11.85
C GLN B 26 43.74 -14.93 -11.84
N GLU B 27 44.33 -14.10 -12.71
CA GLU B 27 43.99 -12.69 -12.75
C GLU B 27 42.76 -12.39 -13.58
N GLU B 28 42.48 -13.21 -14.61
CA GLU B 28 41.26 -13.03 -15.38
C GLU B 28 40.02 -13.23 -14.51
N LEU B 29 40.08 -14.19 -13.59
CA LEU B 29 38.97 -14.41 -12.67
C LEU B 29 38.90 -13.31 -11.62
N ALA B 30 40.06 -12.81 -11.18
CA ALA B 30 40.08 -11.78 -10.15
C ALA B 30 39.58 -10.45 -10.68
N LYS B 31 39.94 -10.11 -11.92
CA LYS B 31 39.48 -8.86 -12.51
C LYS B 31 37.97 -8.90 -12.75
N LEU B 32 37.43 -10.05 -13.13
CA LEU B 32 36.00 -10.16 -13.39
C LEU B 32 35.19 -10.03 -12.11
N ALA B 33 35.72 -10.55 -10.99
CA ALA B 33 35.01 -10.43 -9.73
C ALA B 33 35.11 -9.02 -9.17
N GLU B 34 36.29 -8.39 -9.29
CA GLU B 34 36.41 -6.98 -8.91
C GLU B 34 35.45 -6.11 -9.71
N ARG B 35 35.31 -6.41 -11.01
CA ARG B 35 34.39 -5.65 -11.85
C ARG B 35 32.94 -5.93 -11.48
N THR B 36 32.65 -7.17 -11.07
CA THR B 36 31.30 -7.51 -10.62
C THR B 36 31.00 -6.86 -9.27
N ALA B 37 31.98 -6.83 -8.38
CA ALA B 37 31.76 -6.20 -7.07
C ALA B 37 31.53 -4.70 -7.21
N GLU B 38 32.21 -4.07 -8.17
CA GLU B 38 32.02 -2.64 -8.38
C GLU B 38 30.63 -2.33 -8.91
N GLU B 39 30.15 -3.14 -9.86
CA GLU B 39 28.80 -2.93 -10.39
C GLU B 39 27.73 -3.18 -9.34
N ALA B 40 27.97 -4.13 -8.45
CA ALA B 40 26.95 -4.47 -7.45
C ALA B 40 26.82 -3.36 -6.40
N LYS B 41 27.94 -2.74 -6.03
CA LYS B 41 27.87 -1.62 -5.10
C LYS B 41 27.12 -0.44 -5.69
N LYS B 42 27.36 -0.16 -6.98
CA LYS B 42 26.64 0.93 -7.64
C LYS B 42 25.15 0.63 -7.78
N ALA B 43 24.80 -0.65 -7.97
CA ALA B 43 23.39 -1.00 -8.08
C ALA B 43 22.66 -0.86 -6.75
N THR B 44 23.35 -1.19 -5.64
CA THR B 44 22.72 -1.09 -4.33
C THR B 44 22.49 0.37 -3.95
N GLU B 45 23.47 1.24 -4.22
CA GLU B 45 23.31 2.65 -3.91
C GLU B 45 22.30 3.31 -4.83
N ARG B 46 22.28 2.91 -6.11
CA ARG B 46 21.28 3.44 -7.03
C ARG B 46 19.88 2.98 -6.65
N GLY B 47 19.74 1.77 -6.12
CA GLY B 47 18.44 1.31 -5.67
C GLY B 47 17.92 2.06 -4.47
N GLU B 48 18.81 2.61 -3.65
CA GLU B 48 18.38 3.42 -2.51
C GLU B 48 17.86 4.77 -2.97
N GLU B 49 18.49 5.36 -3.99
CA GLU B 49 17.98 6.62 -4.55
C GLU B 49 16.61 6.42 -5.20
N GLU B 50 16.42 5.26 -5.84
CA GLU B 50 15.13 4.98 -6.47
C GLU B 50 14.02 4.84 -5.43
N THR B 51 14.32 4.17 -4.31
CA THR B 51 13.31 3.96 -3.28
C THR B 51 12.78 5.29 -2.76
N LEU B 52 13.67 6.23 -2.46
CA LEU B 52 13.24 7.50 -1.86
C LEU B 52 12.44 8.34 -2.85
N ARG B 53 12.83 8.34 -4.13
CA ARG B 53 12.07 9.10 -5.12
C ARG B 53 10.70 8.49 -5.34
N ILE B 54 10.57 7.18 -5.19
CA ILE B 54 9.25 6.55 -5.22
C ILE B 54 8.46 6.93 -3.97
N VAL B 55 9.13 6.92 -2.81
CA VAL B 55 8.49 7.39 -1.57
C VAL B 55 8.03 8.83 -1.73
N TYR B 56 8.83 9.66 -2.41
CA TYR B 56 8.48 11.05 -2.62
C TYR B 56 7.19 11.16 -3.43
N VAL B 57 7.02 10.32 -4.45
CA VAL B 57 5.82 10.37 -5.27
C VAL B 57 4.59 10.03 -4.43
N ILE B 58 4.68 8.99 -3.61
CA ILE B 58 3.56 8.58 -2.77
C ILE B 58 3.14 9.71 -1.84
N VAL B 59 4.12 10.41 -1.25
CA VAL B 59 3.81 11.52 -0.36
C VAL B 59 3.11 12.65 -1.14
N VAL B 60 3.61 12.95 -2.33
CA VAL B 60 3.03 14.04 -3.12
C VAL B 60 1.60 13.72 -3.50
N VAL B 61 1.36 12.54 -4.06
CA VAL B 61 0.01 12.16 -4.47
C VAL B 61 -0.93 12.16 -3.27
N LEU B 62 -0.47 11.65 -2.12
CA LEU B 62 -1.28 11.71 -0.91
C LEU B 62 -1.44 13.14 -0.43
N GLN B 63 -0.41 13.97 -0.61
CA GLN B 63 -0.54 15.38 -0.27
C GLN B 63 -1.58 16.06 -1.14
N ILE B 64 -1.62 15.70 -2.42
CA ILE B 64 -2.62 16.27 -3.33
C ILE B 64 -4.02 15.83 -2.92
N ALA B 65 -4.16 14.58 -2.47
CA ALA B 65 -5.47 14.08 -2.08
C ALA B 65 -6.04 14.85 -0.90
N LEU B 66 -5.19 15.18 0.08
CA LEU B 66 -5.65 15.92 1.24
C LEU B 66 -5.94 17.38 0.89
N GLU B 67 -5.12 17.98 0.03
CA GLU B 67 -5.37 19.35 -0.39
C GLU B 67 -6.63 19.45 -1.24
N ALA B 68 -6.87 18.46 -2.10
CA ALA B 68 -8.09 18.45 -2.90
C ALA B 68 -9.32 18.26 -2.02
N HIS B 69 -9.22 17.43 -0.98
CA HIS B 69 -10.33 17.29 -0.05
C HIS B 69 -10.52 18.56 0.78
N ARG B 70 -9.42 19.26 1.11
CA ARG B 70 -9.52 20.49 1.87
C ARG B 70 -10.18 21.60 1.06
N ASN B 71 -9.97 21.61 -0.26
CA ASN B 71 -10.49 22.65 -1.13
C ASN B 71 -11.84 22.30 -1.75
N GLY B 72 -12.37 21.11 -1.49
CA GLY B 72 -13.73 20.76 -1.86
C GLY B 72 -13.88 19.86 -3.06
N GLN B 73 -12.82 19.60 -3.82
CA GLN B 73 -12.91 18.74 -5.00
C GLN B 73 -12.82 17.28 -4.57
N GLU B 74 -13.98 16.68 -4.32
CA GLU B 74 -14.00 15.28 -3.88
C GLU B 74 -13.61 14.34 -5.01
N GLU B 75 -14.10 14.59 -6.22
CA GLU B 75 -13.76 13.73 -7.35
C GLU B 75 -12.27 13.77 -7.65
N LEU B 76 -11.64 14.93 -7.48
CA LEU B 76 -10.19 15.01 -7.64
C LEU B 76 -9.46 14.30 -6.51
N ALA B 77 -10.00 14.36 -5.29
CA ALA B 77 -9.35 13.71 -4.16
C ALA B 77 -9.43 12.19 -4.27
N LYS B 78 -10.59 11.67 -4.68
CA LYS B 78 -10.72 10.22 -4.87
C LYS B 78 -9.77 9.74 -5.96
N LEU B 79 -9.61 10.52 -7.02
CA LEU B 79 -8.68 10.15 -8.09
C LEU B 79 -7.25 10.10 -7.57
N ALA B 80 -6.87 11.05 -6.71
CA ALA B 80 -5.53 11.04 -6.14
C ALA B 80 -5.31 9.84 -5.25
N LEU B 81 -6.32 9.48 -4.45
CA LEU B 81 -6.21 8.27 -3.62
C LEU B 81 -6.04 7.03 -4.48
N ARG B 82 -6.86 6.89 -5.52
CA ARG B 82 -6.72 5.77 -6.44
C ARG B 82 -5.35 5.75 -7.09
N THR B 83 -4.83 6.93 -7.44
CA THR B 83 -3.47 7.02 -7.97
C THR B 83 -2.43 6.61 -6.92
N ALA B 84 -2.62 7.05 -5.68
CA ALA B 84 -1.68 6.68 -4.62
C ALA B 84 -1.72 5.19 -4.35
N GLU B 85 -2.91 4.58 -4.39
CA GLU B 85 -3.02 3.14 -4.21
C GLU B 85 -2.30 2.39 -5.31
N GLU B 86 -2.39 2.87 -6.55
CA GLU B 86 -1.68 2.23 -7.64
C GLU B 86 -0.18 2.37 -7.49
N ALA B 87 0.28 3.54 -7.03
CA ALA B 87 1.72 3.72 -6.81
C ALA B 87 2.22 2.84 -5.67
N ILE B 88 1.40 2.67 -4.63
CA ILE B 88 1.79 1.79 -3.54
C ILE B 88 1.83 0.34 -4.00
N LYS B 89 0.78 -0.10 -4.72
CA LYS B 89 0.77 -1.45 -5.25
C LYS B 89 1.92 -1.67 -6.23
N ALA B 90 2.29 -0.62 -6.99
CA ALA B 90 3.43 -0.73 -7.88
C ALA B 90 4.73 -0.86 -7.10
N THR B 91 4.81 -0.22 -5.93
CA THR B 91 6.03 -0.29 -5.13
C THR B 91 6.18 -1.65 -4.47
N GLU B 92 5.06 -2.21 -3.99
CA GLU B 92 5.11 -3.52 -3.37
C GLU B 92 5.57 -4.59 -4.36
N ARG B 93 5.08 -4.52 -5.61
CA ARG B 93 5.55 -5.44 -6.63
C ARG B 93 7.00 -5.17 -7.01
N GLY B 94 7.42 -3.90 -6.98
CA GLY B 94 8.82 -3.60 -7.22
C GLY B 94 9.73 -4.08 -6.11
N GLU B 95 9.19 -4.23 -4.90
CA GLU B 95 9.96 -4.83 -3.81
C GLU B 95 10.15 -6.33 -4.05
N GLU B 96 9.07 -7.04 -4.36
CA GLU B 96 9.17 -8.46 -4.69
C GLU B 96 10.11 -8.70 -5.86
N GLU B 97 10.13 -7.77 -6.83
CA GLU B 97 11.04 -7.90 -7.96
C GLU B 97 12.49 -7.82 -7.50
N THR B 98 12.81 -6.87 -6.61
CA THR B 98 14.16 -6.77 -6.09
C THR B 98 14.52 -8.00 -5.26
N LEU B 99 13.57 -8.49 -4.45
CA LEU B 99 13.81 -9.69 -3.66
C LEU B 99 14.18 -10.88 -4.55
N ARG B 100 13.41 -11.10 -5.61
CA ARG B 100 13.64 -12.25 -6.47
C ARG B 100 14.86 -12.10 -7.36
N ILE B 101 15.28 -10.86 -7.64
CA ILE B 101 16.49 -10.64 -8.42
C ILE B 101 17.73 -10.91 -7.57
N VAL B 102 17.67 -10.60 -6.28
CA VAL B 102 18.76 -10.94 -5.37
C VAL B 102 18.95 -12.45 -5.32
N TYR B 103 17.84 -13.20 -5.25
CA TYR B 103 17.93 -14.65 -5.26
C TYR B 103 18.54 -15.18 -6.56
N VAL B 104 18.28 -14.49 -7.67
CA VAL B 104 18.96 -14.82 -8.93
C VAL B 104 20.47 -14.75 -8.75
N ILE B 105 20.95 -13.62 -8.21
CA ILE B 105 22.38 -13.45 -8.03
C ILE B 105 22.93 -14.42 -6.99
N VAL B 106 22.13 -14.75 -5.98
CA VAL B 106 22.59 -15.71 -4.97
C VAL B 106 22.79 -17.09 -5.57
N VAL B 107 21.88 -17.51 -6.47
CA VAL B 107 21.99 -18.83 -7.06
C VAL B 107 23.14 -18.90 -8.05
N VAL B 108 23.40 -17.81 -8.77
N VAL B 108 23.36 -17.81 -8.80
CA VAL B 108 24.47 -17.85 -9.76
CA VAL B 108 24.46 -17.76 -9.75
C VAL B 108 25.85 -17.71 -9.11
C VAL B 108 25.80 -17.82 -9.02
N LEU B 109 25.95 -17.01 -7.98
CA LEU B 109 27.22 -16.96 -7.25
C LEU B 109 27.51 -18.28 -6.57
N GLN B 110 26.47 -19.01 -6.16
CA GLN B 110 26.67 -20.36 -5.62
C GLN B 110 27.21 -21.30 -6.69
N ILE B 111 26.80 -21.11 -7.95
CA ILE B 111 27.38 -21.89 -9.03
C ILE B 111 28.84 -21.50 -9.23
N ALA B 112 29.15 -20.21 -9.13
CA ALA B 112 30.53 -19.77 -9.29
C ALA B 112 31.42 -20.30 -8.16
N LEU B 113 30.90 -20.33 -6.93
CA LEU B 113 31.67 -20.83 -5.80
C LEU B 113 31.96 -22.32 -5.93
N GLU B 114 30.92 -23.11 -6.24
CA GLU B 114 31.11 -24.56 -6.34
C GLU B 114 31.93 -24.94 -7.56
N ALA B 115 31.81 -24.19 -8.66
CA ALA B 115 32.62 -24.47 -9.83
C ALA B 115 34.08 -24.08 -9.60
N HIS B 116 34.31 -22.98 -8.89
CA HIS B 116 35.67 -22.58 -8.56
C HIS B 116 36.34 -23.56 -7.60
N ARG B 117 35.56 -24.17 -6.71
CA ARG B 117 36.13 -25.16 -5.79
C ARG B 117 36.42 -26.48 -6.48
N ASN B 118 35.59 -26.85 -7.47
CA ASN B 118 35.75 -28.13 -8.16
C ASN B 118 36.70 -28.06 -9.35
N GLY B 119 37.27 -26.89 -9.64
CA GLY B 119 38.27 -26.75 -10.68
C GLY B 119 37.76 -26.18 -11.98
N GLN B 120 36.45 -26.24 -12.24
CA GLN B 120 35.89 -25.70 -13.48
C GLN B 120 36.03 -24.18 -13.46
N GLU B 121 37.21 -23.70 -13.85
CA GLU B 121 37.45 -22.27 -13.93
C GLU B 121 36.63 -21.64 -15.05
N GLU B 122 36.48 -22.36 -16.17
CA GLU B 122 35.69 -21.82 -17.28
C GLU B 122 34.22 -21.74 -16.92
N LEU B 123 33.70 -22.72 -16.17
CA LEU B 123 32.33 -22.62 -15.67
C LEU B 123 32.21 -21.54 -14.60
N ALA B 124 33.25 -21.35 -13.80
CA ALA B 124 33.25 -20.27 -12.82
C ALA B 124 33.22 -18.91 -13.50
N LYS B 125 33.98 -18.75 -14.60
CA LYS B 125 33.94 -17.50 -15.35
C LYS B 125 32.56 -17.27 -15.95
N LEU B 126 31.96 -18.31 -16.52
CA LEU B 126 30.62 -18.18 -17.11
C LEU B 126 29.60 -17.80 -16.05
N ALA B 127 29.69 -18.40 -14.86
CA ALA B 127 28.78 -18.02 -13.78
C ALA B 127 29.06 -16.60 -13.32
N LEU B 128 30.32 -16.21 -13.26
CA LEU B 128 30.65 -14.85 -12.81
C LEU B 128 30.22 -13.81 -13.84
N ARG B 129 30.36 -14.12 -15.13
CA ARG B 129 29.88 -13.22 -16.17
C ARG B 129 28.36 -13.12 -16.16
N THR B 130 27.67 -14.21 -15.82
CA THR B 130 26.21 -14.16 -15.73
C THR B 130 25.77 -13.31 -14.55
N ALA B 131 26.48 -13.39 -13.42
CA ALA B 131 26.15 -12.58 -12.26
C ALA B 131 26.34 -11.09 -12.57
N GLU B 132 27.43 -10.75 -13.26
CA GLU B 132 27.66 -9.35 -13.62
C GLU B 132 26.59 -8.85 -14.58
N GLU B 133 26.14 -9.70 -15.50
CA GLU B 133 25.12 -9.30 -16.45
C GLU B 133 23.78 -9.05 -15.77
N ALA B 134 23.46 -9.87 -14.76
CA ALA B 134 22.23 -9.64 -13.99
C ALA B 134 22.30 -8.32 -13.23
N ILE B 135 23.49 -7.99 -12.70
CA ILE B 135 23.67 -6.71 -12.02
C ILE B 135 23.55 -5.57 -13.02
N LYS B 136 24.15 -5.73 -14.20
CA LYS B 136 24.02 -4.72 -15.26
C LYS B 136 22.55 -4.53 -15.64
N ALA B 137 21.80 -5.62 -15.75
CA ALA B 137 20.38 -5.50 -16.07
C ALA B 137 19.63 -4.78 -14.97
N THR B 138 19.97 -5.06 -13.70
CA THR B 138 19.34 -4.37 -12.59
C THR B 138 19.64 -2.87 -12.61
N GLU B 139 20.88 -2.51 -12.95
CA GLU B 139 21.24 -1.09 -13.04
C GLU B 139 20.47 -0.40 -14.15
N ARG B 140 20.33 -1.07 -15.30
CA ARG B 140 19.54 -0.50 -16.39
C ARG B 140 18.05 -0.45 -16.04
N GLY B 141 17.58 -1.40 -15.23
CA GLY B 141 16.21 -1.33 -14.77
C GLY B 141 15.97 -0.22 -13.77
N GLU B 142 16.97 0.07 -12.93
CA GLU B 142 16.86 1.19 -11.99
C GLU B 142 16.84 2.52 -12.73
N GLU B 143 17.74 2.68 -13.71
CA GLU B 143 17.80 3.93 -14.46
C GLU B 143 16.52 4.15 -15.26
N GLU B 144 15.94 3.07 -15.79
CA GLU B 144 14.69 3.20 -16.53
C GLU B 144 13.55 3.60 -15.61
N THR B 145 13.48 2.98 -14.43
CA THR B 145 12.45 3.34 -13.47
C THR B 145 12.61 4.79 -13.01
N LEU B 146 13.86 5.27 -12.91
CA LEU B 146 14.08 6.65 -12.50
C LEU B 146 13.57 7.64 -13.54
N ARG B 147 13.82 7.38 -14.82
CA ARG B 147 13.28 8.24 -15.87
C ARG B 147 11.75 8.23 -15.84
N ILE B 148 11.14 7.06 -15.61
CA ILE B 148 9.69 6.99 -15.51
C ILE B 148 9.20 7.76 -14.28
N VAL B 149 9.85 7.54 -13.12
CA VAL B 149 9.45 8.23 -11.89
C VAL B 149 9.63 9.73 -12.04
N TYR B 150 10.74 10.16 -12.67
CA TYR B 150 10.95 11.59 -12.86
C TYR B 150 9.83 12.19 -13.72
N VAL B 151 9.42 11.47 -14.77
CA VAL B 151 8.34 11.95 -15.62
C VAL B 151 7.04 12.03 -14.84
N ILE B 152 6.78 11.06 -13.96
CA ILE B 152 5.55 11.09 -13.17
C ILE B 152 5.56 12.28 -12.23
N VAL B 153 6.71 12.62 -11.67
CA VAL B 153 6.81 13.78 -10.78
C VAL B 153 6.47 15.06 -11.54
N VAL B 154 6.98 15.19 -12.77
CA VAL B 154 6.65 16.34 -13.61
C VAL B 154 5.15 16.39 -13.87
N VAL B 155 4.53 15.23 -14.10
CA VAL B 155 3.09 15.18 -14.35
C VAL B 155 2.31 15.58 -13.11
N LEU B 156 2.72 15.08 -11.94
CA LEU B 156 2.04 15.43 -10.70
C LEU B 156 2.18 16.91 -10.38
N GLN B 157 3.32 17.52 -10.75
CA GLN B 157 3.46 18.96 -10.58
C GLN B 157 2.54 19.72 -11.54
N ILE B 158 2.30 19.16 -12.72
CA ILE B 158 1.33 19.76 -13.64
C ILE B 158 -0.08 19.64 -13.08
N ALA B 159 -0.38 18.50 -12.44
CA ALA B 159 -1.70 18.34 -11.83
C ALA B 159 -1.90 19.27 -10.65
N LEU B 160 -0.83 19.57 -9.91
CA LEU B 160 -0.96 20.44 -8.74
C LEU B 160 -1.14 21.90 -9.16
N GLU B 161 -0.42 22.34 -10.20
CA GLU B 161 -0.56 23.71 -10.68
C GLU B 161 -1.95 23.97 -11.23
N ALA B 162 -2.47 23.02 -12.01
CA ALA B 162 -3.82 23.19 -12.57
C ALA B 162 -4.88 23.17 -11.47
N HIS B 163 -4.63 22.46 -10.38
CA HIS B 163 -5.56 22.46 -9.26
C HIS B 163 -5.65 23.84 -8.62
N ARG B 164 -4.53 24.55 -8.56
CA ARG B 164 -4.55 25.90 -8.00
C ARG B 164 -5.35 26.86 -8.87
N ASN B 165 -5.43 26.58 -10.17
CA ASN B 165 -6.19 27.43 -11.08
C ASN B 165 -7.62 26.91 -11.20
N GLY B 166 -8.40 27.56 -12.07
CA GLY B 166 -9.77 27.16 -12.29
C GLY B 166 -9.92 26.09 -13.35
N GLN B 167 -8.91 25.24 -13.49
CA GLN B 167 -8.90 24.16 -14.47
C GLN B 167 -8.82 22.84 -13.73
N GLU B 168 -9.93 22.44 -13.11
CA GLU B 168 -9.98 21.20 -12.36
C GLU B 168 -9.91 19.99 -13.29
N GLU B 169 -10.49 20.10 -14.49
CA GLU B 169 -10.45 18.98 -15.42
C GLU B 169 -9.04 18.74 -15.94
N LEU B 170 -8.23 19.80 -16.06
CA LEU B 170 -6.83 19.61 -16.43
C LEU B 170 -6.07 18.89 -15.33
N ALA B 171 -6.39 19.17 -14.07
CA ALA B 171 -5.76 18.46 -12.96
C ALA B 171 -6.15 16.98 -12.99
N LYS B 172 -7.41 16.68 -13.31
CA LYS B 172 -7.84 15.29 -13.39
C LYS B 172 -7.14 14.55 -14.53
N LEU B 173 -7.08 15.17 -15.71
CA LEU B 173 -6.41 14.55 -16.84
C LEU B 173 -4.93 14.32 -16.55
N ALA B 174 -4.26 15.30 -15.96
CA ALA B 174 -2.88 15.10 -15.55
C ALA B 174 -2.77 14.01 -14.50
N LEU B 175 -3.66 14.02 -13.50
CA LEU B 175 -3.64 13.00 -12.48
C LEU B 175 -3.92 11.62 -13.06
N ARG B 176 -4.89 11.53 -13.98
CA ARG B 176 -5.15 10.25 -14.63
C ARG B 176 -3.97 9.81 -15.50
N THR B 177 -3.26 10.76 -16.10
CA THR B 177 -2.08 10.43 -16.89
C THR B 177 -1.03 9.75 -16.01
N ALA B 178 -0.81 10.26 -14.80
CA ALA B 178 0.14 9.64 -13.90
C ALA B 178 -0.30 8.23 -13.51
N GLU B 179 -1.60 8.05 -13.26
CA GLU B 179 -2.09 6.74 -12.82
C GLU B 179 -1.91 5.69 -13.91
N GLU B 180 -2.21 6.05 -15.17
CA GLU B 180 -2.02 5.10 -16.26
C GLU B 180 -0.54 4.78 -16.48
N ALA B 181 0.34 5.76 -16.28
CA ALA B 181 1.77 5.48 -16.37
C ALA B 181 2.23 4.59 -15.22
N ILE B 182 1.55 4.66 -14.07
CA ILE B 182 1.85 3.78 -12.95
C ILE B 182 1.32 2.38 -13.23
N LYS B 183 0.10 2.27 -13.77
CA LYS B 183 -0.46 0.97 -14.11
C LYS B 183 0.38 0.27 -15.18
N ALA B 184 0.86 1.03 -16.17
CA ALA B 184 1.73 0.44 -17.18
C ALA B 184 3.04 -0.05 -16.58
N THR B 185 3.55 0.64 -15.56
CA THR B 185 4.72 0.16 -14.85
C THR B 185 4.42 -1.11 -14.07
N GLU B 186 3.24 -1.18 -13.45
CA GLU B 186 2.83 -2.39 -12.75
C GLU B 186 2.83 -3.60 -13.68
N ARG B 187 2.26 -3.44 -14.88
CA ARG B 187 2.21 -4.54 -15.84
C ARG B 187 3.62 -4.95 -16.26
N GLY B 188 4.51 -3.98 -16.48
CA GLY B 188 5.89 -4.30 -16.76
C GLY B 188 6.58 -5.02 -15.62
N GLU B 189 6.18 -4.70 -14.38
CA GLU B 189 6.71 -5.40 -13.22
C GLU B 189 6.17 -6.83 -13.16
N GLU B 190 4.89 -7.02 -13.48
CA GLU B 190 4.31 -8.36 -13.47
C GLU B 190 5.03 -9.27 -14.45
N GLU B 191 5.24 -8.78 -15.68
CA GLU B 191 5.93 -9.58 -16.68
C GLU B 191 7.37 -9.87 -16.25
N THR B 192 8.02 -8.89 -15.61
CA THR B 192 9.39 -9.10 -15.14
C THR B 192 9.44 -10.16 -14.04
N LEU B 193 8.42 -10.18 -13.17
CA LEU B 193 8.40 -11.18 -12.11
C LEU B 193 8.27 -12.60 -12.68
N ARG B 194 7.44 -12.78 -13.71
CA ARG B 194 7.35 -14.08 -14.36
C ARG B 194 8.69 -14.46 -15.00
N ILE B 195 9.41 -13.48 -15.53
CA ILE B 195 10.69 -13.77 -16.16
C ILE B 195 11.73 -14.17 -15.11
N VAL B 196 11.75 -13.46 -13.98
CA VAL B 196 12.74 -13.75 -12.94
C VAL B 196 12.54 -15.15 -12.37
N TYR B 197 11.27 -15.51 -12.08
CA TYR B 197 10.98 -16.85 -11.57
C TYR B 197 11.47 -17.91 -12.55
N VAL B 198 11.23 -17.71 -13.84
CA VAL B 198 11.66 -18.68 -14.85
C VAL B 198 13.18 -18.75 -14.92
N ILE B 199 13.87 -17.63 -14.71
CA ILE B 199 15.33 -17.65 -14.71
C ILE B 199 15.85 -18.35 -13.47
N VAL B 200 15.17 -18.17 -12.32
CA VAL B 200 15.57 -18.90 -11.12
C VAL B 200 15.45 -20.40 -11.33
N VAL B 201 14.38 -20.83 -12.00
CA VAL B 201 14.20 -22.25 -12.29
C VAL B 201 15.37 -22.77 -13.13
N VAL B 202 15.75 -22.01 -14.16
CA VAL B 202 16.84 -22.44 -15.04
C VAL B 202 18.17 -22.41 -14.31
N LEU B 203 18.38 -21.41 -13.45
CA LEU B 203 19.62 -21.35 -12.69
C LEU B 203 19.71 -22.46 -11.65
N GLN B 204 18.57 -22.88 -11.10
CA GLN B 204 18.58 -24.01 -10.17
C GLN B 204 18.81 -25.33 -10.89
N ILE B 205 18.52 -25.41 -12.19
CA ILE B 205 18.94 -26.56 -12.97
C ILE B 205 20.46 -26.64 -13.02
N ALA B 206 21.11 -25.52 -13.38
CA ALA B 206 22.56 -25.51 -13.51
C ALA B 206 23.24 -25.81 -12.19
N LEU B 207 22.66 -25.34 -11.08
CA LEU B 207 23.24 -25.65 -9.77
C LEU B 207 23.17 -27.14 -9.47
N GLU B 208 21.99 -27.74 -9.63
CA GLU B 208 21.82 -29.16 -9.33
C GLU B 208 22.53 -30.03 -10.36
N ALA B 209 22.53 -29.60 -11.63
CA ALA B 209 23.23 -30.37 -12.65
C ALA B 209 24.73 -30.39 -12.40
N HIS B 210 25.29 -29.27 -11.93
CA HIS B 210 26.69 -29.24 -11.57
C HIS B 210 26.99 -30.17 -10.40
N ARG B 211 26.10 -30.18 -9.41
CA ARG B 211 26.28 -31.06 -8.26
C ARG B 211 26.17 -32.54 -8.62
N ASN B 212 25.52 -32.86 -9.74
CA ASN B 212 25.31 -34.24 -10.15
C ASN B 212 26.31 -34.70 -11.21
N GLY B 213 27.29 -33.87 -11.55
CA GLY B 213 28.27 -34.23 -12.55
C GLY B 213 27.79 -34.12 -13.98
N GLN B 214 26.64 -33.48 -14.21
CA GLN B 214 26.11 -33.27 -15.56
C GLN B 214 26.60 -31.92 -16.05
N GLU B 215 27.86 -31.89 -16.50
CA GLU B 215 28.50 -30.63 -16.84
C GLU B 215 27.93 -30.01 -18.11
N GLU B 216 27.54 -30.83 -19.08
CA GLU B 216 27.00 -30.28 -20.33
C GLU B 216 25.65 -29.62 -20.10
N LEU B 217 24.81 -30.23 -19.25
CA LEU B 217 23.54 -29.59 -18.91
C LEU B 217 23.74 -28.32 -18.10
N ALA B 218 24.75 -28.30 -17.21
CA ALA B 218 24.98 -27.14 -16.37
C ALA B 218 25.43 -25.93 -17.19
N LYS B 219 26.31 -26.13 -18.17
CA LYS B 219 26.77 -25.03 -19.01
C LYS B 219 25.63 -24.51 -19.88
N LEU B 220 24.79 -25.40 -20.40
CA LEU B 220 23.71 -24.97 -21.29
C LEU B 220 22.60 -24.26 -20.53
N ALA B 221 22.29 -24.72 -19.31
CA ALA B 221 21.30 -24.03 -18.51
C ALA B 221 21.80 -22.66 -18.08
N LEU B 222 23.08 -22.58 -17.69
CA LEU B 222 23.66 -21.30 -17.31
C LEU B 222 23.74 -20.36 -18.51
N ARG B 223 23.97 -20.91 -19.70
CA ARG B 223 23.99 -20.09 -20.90
C ARG B 223 22.59 -19.59 -21.25
N THR B 224 21.58 -20.42 -21.01
CA THR B 224 20.21 -20.02 -21.30
C THR B 224 19.77 -18.89 -20.36
N ALA B 225 20.15 -18.99 -19.09
CA ALA B 225 19.81 -17.93 -18.14
C ALA B 225 20.48 -16.61 -18.51
N GLU B 226 21.73 -16.67 -18.97
CA GLU B 226 22.44 -15.44 -19.36
C GLU B 226 21.74 -14.78 -20.53
N GLU B 227 21.38 -15.55 -21.56
CA GLU B 227 20.69 -14.98 -22.71
C GLU B 227 19.27 -14.56 -22.37
N ALA B 228 18.64 -15.21 -21.39
CA ALA B 228 17.36 -14.73 -20.91
C ALA B 228 17.51 -13.36 -20.26
N ILE B 229 18.60 -13.15 -19.52
CA ILE B 229 18.85 -11.84 -18.91
C ILE B 229 19.11 -10.80 -20.00
N LYS B 230 19.93 -11.14 -21.00
CA LYS B 230 20.21 -10.20 -22.08
C LYS B 230 18.95 -9.89 -22.89
N ALA B 231 18.12 -10.90 -23.16
CA ALA B 231 16.91 -10.67 -23.94
C ALA B 231 15.91 -9.81 -23.17
N THR B 232 15.85 -9.96 -21.84
CA THR B 232 14.96 -9.14 -21.04
C THR B 232 15.41 -7.69 -21.01
N GLU B 233 16.73 -7.45 -21.07
CA GLU B 233 17.23 -6.08 -21.15
C GLU B 233 16.69 -5.36 -22.38
N ARG B 234 16.72 -6.02 -23.54
CA ARG B 234 16.22 -5.42 -24.77
C ARG B 234 14.72 -5.19 -24.73
N GLY B 235 14.00 -5.91 -23.89
CA GLY B 235 12.55 -5.81 -23.85
C GLY B 235 12.02 -4.86 -22.81
N GLU B 236 12.81 -4.59 -21.77
CA GLU B 236 12.34 -3.71 -20.69
C GLU B 236 12.10 -2.29 -21.18
N GLU B 237 12.75 -1.87 -22.27
CA GLU B 237 12.50 -0.53 -22.80
C GLU B 237 11.12 -0.40 -23.42
N GLU B 238 10.38 -1.50 -23.57
CA GLU B 238 9.04 -1.44 -24.14
C GLU B 238 8.07 -0.70 -23.22
N THR B 239 8.22 -0.89 -21.90
CA THR B 239 7.29 -0.24 -20.97
C THR B 239 7.57 1.25 -20.82
N GLU B 240 8.79 1.70 -21.10
CA GLU B 240 9.09 3.13 -20.99
C GLU B 240 8.47 3.90 -22.14
N ARG B 241 8.39 3.31 -23.33
CA ARG B 241 7.77 4.00 -24.45
C ARG B 241 6.25 4.02 -24.31
N ILE B 242 5.67 3.04 -23.62
CA ILE B 242 4.26 3.07 -23.30
C ILE B 242 3.96 4.26 -22.39
N VAL B 243 4.80 4.47 -21.37
CA VAL B 243 4.63 5.62 -20.49
C VAL B 243 4.71 6.91 -21.28
N TYR B 244 5.70 7.01 -22.17
CA TYR B 244 5.85 8.22 -22.99
C TYR B 244 4.64 8.41 -23.90
N ASP B 245 4.09 7.32 -24.44
CA ASP B 245 2.87 7.44 -25.22
C ASP B 245 1.70 7.91 -24.35
N ILE B 246 1.70 7.54 -23.07
CA ILE B 246 0.68 8.06 -22.16
C ILE B 246 0.90 9.53 -21.88
N VAL B 247 2.17 9.94 -21.74
CA VAL B 247 2.47 11.35 -21.43
C VAL B 247 2.28 12.23 -22.65
N VAL B 248 2.55 11.71 -23.85
CA VAL B 248 2.34 12.47 -25.07
C VAL B 248 0.88 12.91 -25.20
N VAL B 249 -0.06 12.06 -24.74
CA VAL B 249 -1.46 12.42 -24.76
C VAL B 249 -1.73 13.65 -23.90
N LEU B 250 -1.11 13.72 -22.72
CA LEU B 250 -1.28 14.89 -21.87
C LEU B 250 -0.61 16.11 -22.49
N GLN B 251 0.49 15.92 -23.23
N GLN B 251 0.49 15.92 -23.23
CA GLN B 251 1.19 17.04 -23.82
CA GLN B 251 1.19 17.05 -23.83
C GLN B 251 0.39 17.65 -24.98
C GLN B 251 0.41 17.65 -24.99
N GLU B 252 -0.20 16.80 -25.83
CA GLU B 252 -0.95 17.31 -26.97
C GLU B 252 -2.28 17.93 -26.52
N ALA B 253 -2.83 17.47 -25.41
CA ALA B 253 -3.98 18.18 -24.83
C ALA B 253 -3.55 19.47 -24.16
N LEU B 254 -2.32 19.51 -23.63
CA LEU B 254 -1.81 20.72 -23.03
C LEU B 254 -1.51 21.79 -24.08
N GLU B 255 -0.98 21.37 -25.23
CA GLU B 255 -0.68 22.33 -26.29
C GLU B 255 -1.95 22.82 -26.99
N ALA B 256 -3.03 22.04 -26.95
CA ALA B 256 -4.29 22.50 -27.53
C ALA B 256 -4.91 23.60 -26.67
N HIS B 257 -4.78 23.49 -25.35
CA HIS B 257 -5.25 24.55 -24.47
C HIS B 257 -4.38 25.79 -24.56
N ARG B 258 -3.08 25.61 -24.83
CA ARG B 258 -2.18 26.76 -24.95
C ARG B 258 -2.38 27.47 -26.28
N ASN B 259 -2.58 26.71 -27.36
CA ASN B 259 -2.85 27.31 -28.65
C ASN B 259 -4.23 27.98 -28.71
N GLY B 260 -5.15 27.59 -27.84
CA GLY B 260 -6.46 28.20 -27.81
C GLY B 260 -6.46 29.54 -27.10
N GLU B 261 -5.69 29.65 -26.01
CA GLU B 261 -5.59 30.91 -25.30
C GLU B 261 -4.85 31.96 -26.12
N GLU B 262 -3.93 31.53 -26.98
CA GLU B 262 -3.26 32.47 -27.88
C GLU B 262 -4.20 33.00 -28.95
N GLU B 263 -5.17 32.17 -29.37
CA GLU B 263 -6.18 32.64 -30.32
C GLU B 263 -7.11 33.66 -29.69
N ARG B 264 -7.41 33.51 -28.39
CA ARG B 264 -8.22 34.50 -27.70
C ARG B 264 -7.49 35.81 -27.55
N ALA B 265 -6.16 35.76 -27.39
CA ALA B 265 -5.37 36.98 -27.31
C ALA B 265 -5.21 37.65 -28.67
N LYS B 266 -5.13 36.84 -29.74
CA LYS B 266 -5.02 37.40 -31.08
C LYS B 266 -6.33 38.08 -31.49
N LYS B 267 -7.47 37.51 -31.09
CA LYS B 267 -8.75 38.15 -31.37
C LYS B 267 -8.94 39.42 -30.55
N ALA B 268 -8.44 39.43 -29.32
CA ALA B 268 -8.58 40.62 -28.47
C ALA B 268 -7.72 41.77 -28.99
N LEU B 269 -6.53 41.46 -29.52
CA LEU B 269 -5.67 42.51 -30.06
C LEU B 269 -6.20 43.02 -31.40
N ASP B 270 -6.75 42.12 -32.22
CA ASP B 270 -7.36 42.55 -33.48
C ASP B 270 -8.63 43.34 -33.24
N GLU B 271 -9.40 42.95 -32.21
CA GLU B 271 -10.59 43.71 -31.83
C GLU B 271 -10.23 45.10 -31.32
N ALA B 272 -9.07 45.24 -30.69
CA ALA B 272 -8.64 46.54 -30.20
C ALA B 272 -8.15 47.43 -31.33
N ARG B 273 -7.59 46.85 -32.39
CA ARG B 273 -7.14 47.65 -33.53
C ARG B 273 -8.32 48.21 -34.31
N ARG B 274 -9.38 47.42 -34.49
CA ARG B 274 -10.54 47.90 -35.24
C ARG B 274 -11.25 49.03 -34.50
N ARG B 275 -11.21 49.02 -33.17
CA ARG B 275 -11.82 50.11 -32.41
C ARG B 275 -11.02 51.40 -32.57
N ILE B 276 -9.69 51.29 -32.57
CA ILE B 276 -8.85 52.47 -32.79
C ILE B 276 -9.00 52.97 -34.21
N GLU B 277 -9.07 52.06 -35.18
CA GLU B 277 -9.29 52.46 -36.56
C GLU B 277 -10.66 53.08 -36.75
N ALA B 278 -11.65 52.66 -35.96
CA ALA B 278 -12.97 53.27 -36.04
C ALA B 278 -12.95 54.69 -35.47
N THR B 279 -12.19 54.90 -34.39
CA THR B 279 -12.06 56.25 -33.84
C THR B 279 -11.39 57.19 -34.86
N GLU B 280 -10.41 56.68 -35.61
CA GLU B 280 -9.72 57.48 -36.61
C GLU B 280 -10.63 57.87 -37.76
N ARG B 281 -11.70 57.12 -38.00
CA ARG B 281 -12.69 57.50 -39.00
C ARG B 281 -13.70 58.50 -38.46
N GLY B 282 -13.55 58.95 -37.22
CA GLY B 282 -14.52 59.83 -36.60
C GLY B 282 -15.70 59.15 -35.96
N GLU B 283 -15.77 57.81 -36.04
CA GLU B 283 -16.88 57.07 -35.47
C GLU B 283 -16.45 56.29 -34.22
#